data_4YKG
#
_entry.id   4YKG
#
_cell.length_a   106.882
_cell.length_b   59.576
_cell.length_c   121.508
_cell.angle_alpha   90.00
_cell.angle_beta   111.40
_cell.angle_gamma   90.00
#
_symmetry.space_group_name_H-M   'C 1 2 1'
#
loop_
_entity.id
_entity.type
_entity.pdbx_description
1 polymer 'Alkyl hydroperoxide reductase subunit F'
2 non-polymer 'FLAVIN-ADENINE DINUCLEOTIDE'
3 non-polymer NICOTINAMIDE-ADENINE-DINUCLEOTIDE
4 non-polymer 'SULFATE ION'
5 non-polymer 'CADMIUM ION'
6 non-polymer GLYCEROL
7 non-polymer DI(HYDROXYETHYL)ETHER
8 water water
#
_entity_poly.entity_id   1
_entity_poly.type   'polypeptide(L)'
_entity_poly.pdbx_seq_one_letter_code
;MLDTNMKTQLKAYLEKLTKPVELIATLDDSAKSAEIKELLAEIAELSDKVTFKEDNSLPVRKPSFLITNPGSNQGPRFAG
SPLGHEFTSLVLALLWTGGHPSKEAQSLLEQIRHIDGDFEFETYYSLSCHNCPDVVQALNLMSVLNPRIKHTAIDGGTFQ
NEITDRNVMGVPAVFVNGKEFGQGRMTLTEIVAKIDTGAEKRAAEELNKRDAYDVLIVGSGPAGAAAAIYSARKGIRTGL
MGERFGGQILDTVDIENYISVPKTEGQKLAGALKVHVDEYDVDVIDSQSASKLIPAAVEGGLHQIETASGAVLKARSIIV
ATGAKWRNMNVPGEDQYRTKGVTY(CSD)PHCDGPLFKGKRVAVIGGGNSGVEAAIDLAGIVEHVTLLEFAPEMKADQVL
QDKLRSLKNVDIILNAQTTEVKGDGSKVVGLEYRDRVSGDIHNIELAGIFVQIGLLPNTNWLEGAVERNRMGEIIIDAKC
ETNVKGVFAAGDCTTVPYKQIIIATGEGAKASLSAFDYLIRTKTA
;
_entity_poly.pdbx_strand_id   A
#
# COMPACT_ATOMS: atom_id res chain seq x y z
N MET A 1 13.94 -43.90 29.21
CA MET A 1 14.65 -43.09 30.28
C MET A 1 13.77 -42.08 31.02
N LEU A 2 12.49 -42.04 30.69
CA LEU A 2 11.51 -41.28 31.42
C LEU A 2 11.53 -41.60 32.91
N ASP A 3 11.62 -40.56 33.73
CA ASP A 3 11.46 -40.69 35.17
C ASP A 3 9.94 -40.65 35.49
N THR A 4 9.55 -41.12 36.67
CA THR A 4 8.13 -41.31 36.99
C THR A 4 7.34 -40.00 36.98
N ASN A 5 8.02 -38.92 37.36
CA ASN A 5 7.46 -37.56 37.31
C ASN A 5 7.03 -37.20 35.87
N MET A 6 7.95 -37.43 34.94
CA MET A 6 7.71 -37.19 33.50
C MET A 6 6.56 -38.06 32.98
N LYS A 7 6.59 -39.35 33.34
CA LYS A 7 5.51 -40.27 32.95
C LYS A 7 4.13 -39.73 33.32
N THR A 8 3.97 -39.33 34.58
CA THR A 8 2.67 -38.92 35.11
C THR A 8 2.14 -37.70 34.34
N GLN A 9 3.02 -36.73 34.11
CA GLN A 9 2.68 -35.53 33.37
C GLN A 9 2.36 -35.89 31.93
N LEU A 10 3.24 -36.70 31.33
CA LEU A 10 3.08 -37.16 29.96
C LEU A 10 1.78 -37.96 29.79
N LYS A 11 1.49 -38.84 30.74
CA LYS A 11 0.21 -39.54 30.71
C LYS A 11 -0.93 -38.55 30.78
N ALA A 12 -0.83 -37.57 31.67
CA ALA A 12 -1.86 -36.53 31.81
C ALA A 12 -1.97 -35.66 30.55
N TYR A 13 -0.83 -35.35 29.93
CA TYR A 13 -0.79 -34.49 28.73
C TYR A 13 -1.24 -35.22 27.47
N LEU A 14 -0.89 -36.49 27.32
CA LEU A 14 -1.41 -37.29 26.20
C LEU A 14 -2.91 -37.54 26.29
N GLU A 15 -3.52 -37.31 27.46
CA GLU A 15 -4.99 -37.37 27.55
C GLU A 15 -5.64 -36.24 26.74
N LYS A 16 -4.90 -35.14 26.54
CA LYS A 16 -5.31 -34.06 25.63
C LYS A 16 -4.81 -34.34 24.20
N LEU A 17 -5.28 -35.44 23.61
CA LEU A 17 -4.93 -35.81 22.24
C LEU A 17 -6.17 -36.15 21.47
N THR A 18 -6.35 -35.48 20.35
CA THR A 18 -7.56 -35.60 19.55
C THR A 18 -7.30 -36.36 18.25
N LYS A 19 -6.03 -36.50 17.87
CA LYS A 19 -5.64 -37.22 16.67
C LYS A 19 -4.64 -38.34 17.03
N PRO A 20 -4.48 -39.33 16.14
CA PRO A 20 -3.58 -40.44 16.42
C PRO A 20 -2.14 -40.14 16.03
N VAL A 21 -1.22 -40.35 16.96
CA VAL A 21 0.20 -40.05 16.76
C VAL A 21 0.98 -41.34 16.45
N GLU A 22 2.00 -41.21 15.61
CA GLU A 22 2.89 -42.31 15.29
C GLU A 22 4.29 -41.80 15.39
N LEU A 23 5.16 -42.58 16.03
CA LEU A 23 6.57 -42.25 16.14
C LEU A 23 7.33 -43.22 15.25
N ILE A 24 7.99 -42.72 14.20
CA ILE A 24 8.68 -43.61 13.22
C ILE A 24 10.22 -43.56 13.40
N ALA A 25 10.78 -44.63 13.96
CA ALA A 25 12.17 -44.63 14.40
C ALA A 25 13.11 -45.25 13.38
N THR A 26 14.35 -44.75 13.38
CA THR A 26 15.42 -45.30 12.56
C THR A 26 16.65 -45.59 13.44
N LEU A 27 16.88 -46.87 13.74
CA LEU A 27 17.78 -47.30 14.84
C LEU A 27 18.90 -48.25 14.44
N ASP A 28 20.05 -48.12 15.11
CA ASP A 28 21.32 -48.72 14.65
C ASP A 28 22.06 -49.67 15.63
N ASP A 29 21.35 -50.44 16.44
CA ASP A 29 22.02 -51.40 17.36
C ASP A 29 22.81 -50.82 18.54
N SER A 30 23.22 -49.55 18.48
CA SER A 30 23.94 -48.95 19.61
C SER A 30 23.00 -48.81 20.80
N ALA A 31 23.60 -48.67 21.99
CA ALA A 31 22.84 -48.63 23.22
C ALA A 31 22.12 -47.30 23.36
N LYS A 32 22.56 -46.31 22.60
CA LYS A 32 21.82 -45.06 22.50
C LYS A 32 20.53 -45.28 21.76
N SER A 33 20.59 -45.98 20.62
CA SER A 33 19.36 -46.31 19.84
C SER A 33 18.44 -47.30 20.58
N ALA A 34 19.04 -48.19 21.38
CA ALA A 34 18.27 -49.05 22.28
C ALA A 34 17.55 -48.24 23.35
N GLU A 35 18.20 -47.15 23.77
CA GLU A 35 17.66 -46.22 24.76
C GLU A 35 16.50 -45.41 24.19
N ILE A 36 16.48 -45.24 22.86
CA ILE A 36 15.41 -44.53 22.20
C ILE A 36 14.30 -45.48 21.81
N LYS A 37 14.63 -46.73 21.53
CA LYS A 37 13.58 -47.77 21.40
C LYS A 37 12.77 -47.83 22.71
N GLU A 38 13.45 -48.06 23.81
CA GLU A 38 12.81 -48.11 25.12
C GLU A 38 11.85 -46.96 25.34
N LEU A 39 12.34 -45.75 25.10
CA LEU A 39 11.54 -44.54 25.32
C LEU A 39 10.27 -44.49 24.46
N LEU A 40 10.42 -44.68 23.17
CA LEU A 40 9.29 -44.69 22.25
C LEU A 40 8.26 -45.71 22.66
N ALA A 41 8.71 -46.89 23.00
CA ALA A 41 7.81 -47.90 23.50
C ALA A 41 7.26 -47.56 24.90
N GLU A 42 8.02 -46.85 25.75
CA GLU A 42 7.40 -46.37 27.00
C GLU A 42 6.24 -45.41 26.69
N ILE A 43 6.51 -44.42 25.83
CA ILE A 43 5.47 -43.43 25.49
C ILE A 43 4.25 -44.09 24.82
N ALA A 44 4.48 -44.87 23.75
CA ALA A 44 3.39 -45.64 23.13
C ALA A 44 2.49 -46.30 24.15
N GLU A 45 3.10 -46.89 25.18
CA GLU A 45 2.37 -47.63 26.22
C GLU A 45 1.52 -46.73 27.10
N LEU A 46 1.79 -45.43 27.08
CA LEU A 46 1.01 -44.46 27.84
C LEU A 46 -0.27 -43.98 27.14
N SER A 47 -0.40 -44.15 25.82
CA SER A 47 -1.65 -43.76 25.15
C SER A 47 -2.06 -44.62 23.96
N ASP A 48 -3.38 -44.66 23.79
CA ASP A 48 -4.01 -45.39 22.70
C ASP A 48 -3.89 -44.64 21.37
N LYS A 49 -3.68 -43.32 21.43
CA LYS A 49 -3.42 -42.52 20.23
C LYS A 49 -2.03 -42.77 19.69
N VAL A 50 -1.08 -42.97 20.60
CA VAL A 50 0.30 -43.03 20.22
C VAL A 50 0.70 -44.47 19.90
N THR A 51 1.18 -44.65 18.68
CA THR A 51 1.73 -45.90 18.18
C THR A 51 3.21 -45.72 17.81
N PHE A 52 4.00 -46.72 18.17
CA PHE A 52 5.42 -46.74 17.87
C PHE A 52 5.71 -47.80 16.82
N LYS A 53 6.19 -47.36 15.68
CA LYS A 53 6.56 -48.22 14.55
C LYS A 53 8.04 -47.97 14.32
N GLU A 54 8.74 -48.82 13.60
CA GLU A 54 10.11 -48.49 13.20
C GLU A 54 10.47 -48.89 11.77
N ASP A 55 11.09 -47.96 11.06
CA ASP A 55 11.58 -48.18 9.70
C ASP A 55 13.05 -47.80 9.66
N ASN A 56 13.91 -48.81 9.61
CA ASN A 56 15.34 -48.62 9.78
C ASN A 56 16.15 -48.47 8.48
N SER A 57 15.46 -48.28 7.35
CA SER A 57 16.12 -48.04 6.07
C SER A 57 15.65 -46.72 5.47
N LEU A 58 15.83 -45.65 6.23
CA LEU A 58 15.50 -44.31 5.79
C LEU A 58 16.77 -43.47 5.79
N PRO A 59 16.88 -42.50 4.85
CA PRO A 59 18.14 -41.76 4.65
C PRO A 59 18.46 -40.70 5.73
N VAL A 60 18.06 -40.98 6.97
CA VAL A 60 18.17 -40.03 8.07
C VAL A 60 19.07 -40.60 9.14
N ARG A 61 19.47 -39.74 10.06
CA ARG A 61 20.39 -40.09 11.13
C ARG A 61 19.89 -41.29 11.92
N LYS A 62 20.81 -42.02 12.53
CA LYS A 62 20.48 -43.06 13.50
C LYS A 62 21.27 -42.80 14.76
N PRO A 63 20.59 -42.68 15.92
CA PRO A 63 19.17 -42.86 16.12
C PRO A 63 18.37 -41.56 15.91
N SER A 64 17.16 -41.70 15.37
CA SER A 64 16.20 -40.61 15.33
C SER A 64 14.79 -41.15 15.12
N PHE A 65 13.81 -40.33 15.41
CA PHE A 65 12.43 -40.69 15.19
C PHE A 65 11.58 -39.52 14.72
N LEU A 66 10.79 -39.79 13.68
CA LEU A 66 9.79 -38.86 13.18
C LEU A 66 8.55 -38.98 14.04
N ILE A 67 7.98 -37.85 14.42
CA ILE A 67 6.68 -37.81 15.04
C ILE A 67 5.71 -37.38 13.93
N THR A 68 4.57 -38.05 13.84
CA THR A 68 3.59 -37.78 12.79
C THR A 68 2.23 -38.40 13.05
N ASN A 69 1.31 -38.07 12.16
CA ASN A 69 0.04 -38.74 12.05
C ASN A 69 0.19 -39.88 11.05
N PRO A 70 -0.70 -40.88 11.13
CA PRO A 70 -0.73 -42.01 10.22
C PRO A 70 -0.64 -41.63 8.74
N GLY A 71 -0.01 -42.48 7.94
CA GLY A 71 0.16 -42.26 6.50
C GLY A 71 1.23 -41.22 6.21
N SER A 72 0.84 -39.95 6.34
CA SER A 72 1.73 -38.79 6.11
C SER A 72 3.06 -38.86 6.86
N ASN A 73 4.12 -38.39 6.19
CA ASN A 73 5.47 -38.44 6.75
C ASN A 73 6.04 -37.04 6.89
N GLN A 74 5.34 -36.22 7.67
CA GLN A 74 5.73 -34.84 7.93
C GLN A 74 5.61 -34.53 9.41
N GLY A 75 6.63 -33.90 9.98
CA GLY A 75 6.59 -33.54 11.40
C GLY A 75 7.99 -33.35 11.96
N PRO A 76 8.10 -33.06 13.27
CA PRO A 76 9.42 -32.85 13.85
C PRO A 76 10.21 -34.16 14.06
N ARG A 77 11.50 -34.14 13.72
CA ARG A 77 12.39 -35.29 13.87
C ARG A 77 13.39 -34.91 14.97
N PHE A 78 13.51 -35.77 15.97
CA PHE A 78 14.56 -35.62 16.98
C PHE A 78 15.65 -36.62 16.65
N ALA A 79 16.90 -36.24 16.85
CA ALA A 79 18.03 -37.16 16.76
C ALA A 79 18.76 -37.23 18.10
N GLY A 80 18.86 -38.42 18.66
CA GLY A 80 19.36 -38.60 20.02
C GLY A 80 18.27 -38.31 21.03
N SER A 81 18.71 -38.08 22.27
CA SER A 81 17.80 -37.97 23.40
C SER A 81 16.99 -36.70 23.34
N PRO A 82 15.65 -36.83 23.33
CA PRO A 82 14.74 -35.70 23.41
C PRO A 82 14.37 -35.37 24.86
N LEU A 83 15.31 -35.63 25.76
CA LEU A 83 15.10 -35.51 27.20
C LEU A 83 15.93 -34.36 27.74
N GLY A 84 16.22 -34.38 29.04
CA GLY A 84 16.87 -33.25 29.72
C GLY A 84 15.96 -32.03 29.69
N HIS A 85 16.51 -30.91 29.22
CA HIS A 85 15.73 -29.68 29.03
C HIS A 85 14.72 -29.76 27.90
N GLU A 86 14.92 -30.72 26.99
CA GLU A 86 14.10 -30.85 25.79
C GLU A 86 12.94 -31.83 25.98
N PHE A 87 12.75 -32.31 27.21
CA PHE A 87 11.58 -33.11 27.53
C PHE A 87 10.31 -32.36 27.13
N THR A 88 10.17 -31.12 27.63
CA THR A 88 8.94 -30.35 27.41
C THR A 88 8.80 -29.94 25.93
N SER A 89 9.92 -29.91 25.20
CA SER A 89 9.90 -29.76 23.74
C SER A 89 9.24 -30.99 23.06
N LEU A 90 9.36 -32.14 23.69
CA LEU A 90 8.93 -33.40 23.09
C LEU A 90 7.43 -33.60 23.29
N VAL A 91 6.97 -33.32 24.50
CA VAL A 91 5.56 -33.34 24.82
C VAL A 91 4.83 -32.44 23.83
N LEU A 92 5.39 -31.26 23.61
CA LEU A 92 4.78 -30.25 22.78
C LEU A 92 4.66 -30.75 21.35
N ALA A 93 5.76 -31.26 20.81
CA ALA A 93 5.72 -31.86 19.47
C ALA A 93 4.62 -32.94 19.33
N LEU A 94 4.45 -33.79 20.34
CA LEU A 94 3.43 -34.85 20.28
C LEU A 94 2.03 -34.23 20.32
N LEU A 95 1.82 -33.29 21.25
CA LEU A 95 0.56 -32.60 21.41
C LEU A 95 0.14 -31.91 20.12
N TRP A 96 0.99 -31.03 19.58
CA TRP A 96 0.62 -30.27 18.38
C TRP A 96 0.33 -31.22 17.25
N THR A 97 1.20 -32.21 17.07
CA THR A 97 1.05 -33.17 15.97
C THR A 97 -0.21 -34.04 16.19
N GLY A 98 -0.67 -34.12 17.44
CA GLY A 98 -1.90 -34.81 17.78
C GLY A 98 -3.10 -33.91 18.02
N GLY A 99 -3.04 -32.70 17.46
CA GLY A 99 -4.22 -31.85 17.38
C GLY A 99 -4.36 -30.78 18.43
N HIS A 100 -3.47 -30.75 19.41
CA HIS A 100 -3.46 -29.64 20.35
C HIS A 100 -2.95 -28.38 19.61
N PRO A 101 -3.46 -27.18 19.98
CA PRO A 101 -3.08 -25.94 19.29
C PRO A 101 -1.90 -25.16 19.90
N SER A 102 -1.24 -24.37 19.07
CA SER A 102 -0.18 -23.47 19.52
C SER A 102 -0.71 -22.42 20.46
N LYS A 103 0.04 -22.15 21.51
CA LYS A 103 -0.39 -21.19 22.52
C LYS A 103 0.05 -19.76 22.17
N GLU A 104 0.44 -19.52 20.92
CA GLU A 104 0.98 -18.23 20.48
C GLU A 104 0.29 -17.69 19.22
N ALA A 105 0.65 -16.47 18.82
CA ALA A 105 -0.11 -15.64 17.86
C ALA A 105 -0.48 -16.31 16.53
N GLN A 106 -1.77 -16.61 16.41
CA GLN A 106 -2.33 -17.33 15.26
C GLN A 106 -2.17 -16.61 13.90
N SER A 107 -1.99 -15.29 13.91
CA SER A 107 -1.71 -14.52 12.69
C SER A 107 -0.41 -15.01 12.06
N LEU A 108 0.60 -15.17 12.90
CA LEU A 108 1.89 -15.66 12.45
C LEU A 108 1.73 -17.09 11.93
N LEU A 109 0.87 -17.85 12.60
CA LEU A 109 0.67 -19.27 12.27
C LEU A 109 0.04 -19.48 10.89
N GLU A 110 -0.82 -18.55 10.49
CA GLU A 110 -1.35 -18.56 9.12
C GLU A 110 -0.27 -18.09 8.15
N GLN A 111 0.44 -17.03 8.54
CA GLN A 111 1.52 -16.52 7.72
C GLN A 111 2.45 -17.71 7.43
N ILE A 112 2.77 -18.48 8.47
CA ILE A 112 3.64 -19.64 8.36
C ILE A 112 3.01 -20.78 7.57
N ARG A 113 1.71 -20.99 7.76
CA ARG A 113 1.00 -22.01 7.00
C ARG A 113 1.08 -21.75 5.48
N HIS A 114 1.25 -20.48 5.09
CA HIS A 114 1.49 -20.08 3.69
C HIS A 114 2.92 -19.52 3.52
N ILE A 115 3.86 -20.38 3.14
CA ILE A 115 5.24 -19.99 2.84
C ILE A 115 5.76 -20.87 1.70
N ASP A 116 6.49 -20.29 0.75
CA ASP A 116 6.83 -20.98 -0.51
C ASP A 116 8.19 -21.69 -0.53
N GLY A 117 9.17 -21.18 0.22
CA GLY A 117 10.53 -21.72 0.18
C GLY A 117 10.69 -23.06 0.88
N ASP A 118 11.60 -23.89 0.37
CA ASP A 118 11.89 -25.20 0.96
C ASP A 118 12.99 -25.04 1.99
N PHE A 119 12.66 -25.32 3.26
CA PHE A 119 13.61 -25.12 4.36
C PHE A 119 13.75 -26.35 5.24
N GLU A 120 14.97 -26.89 5.34
CA GLU A 120 15.28 -27.82 6.41
C GLU A 120 15.98 -27.04 7.51
N PHE A 121 15.33 -26.94 8.67
CA PHE A 121 16.03 -26.47 9.87
C PHE A 121 16.54 -27.66 10.67
N GLU A 122 17.82 -27.64 11.01
CA GLU A 122 18.37 -28.59 11.96
C GLU A 122 19.00 -27.77 13.05
N THR A 123 18.41 -27.83 14.24
CA THR A 123 18.99 -27.16 15.40
C THR A 123 19.87 -28.17 16.14
N TYR A 124 21.02 -27.71 16.60
CA TYR A 124 21.88 -28.48 17.49
C TYR A 124 21.64 -28.05 18.94
N TYR A 125 21.35 -29.03 19.79
CA TYR A 125 21.20 -28.80 21.23
C TYR A 125 22.01 -29.83 22.03
N SER A 126 22.03 -29.64 23.35
CA SER A 126 22.50 -30.67 24.27
C SER A 126 21.61 -30.58 25.50
N LEU A 127 21.54 -31.68 26.23
CA LEU A 127 20.48 -31.85 27.22
C LEU A 127 20.56 -30.81 28.36
N SER A 128 21.79 -30.42 28.71
CA SER A 128 22.05 -29.50 29.83
C SER A 128 21.54 -28.05 29.63
N CYS A 129 21.45 -27.62 28.37
CA CYS A 129 21.23 -26.21 28.01
C CYS A 129 19.84 -25.69 28.34
N HIS A 130 19.81 -24.63 29.13
CA HIS A 130 18.56 -24.05 29.61
C HIS A 130 17.81 -23.33 28.50
N ASN A 131 18.52 -22.59 27.66
CA ASN A 131 17.91 -21.70 26.63
C ASN A 131 17.60 -22.37 25.28
N CYS A 132 17.88 -23.66 25.17
CA CYS A 132 17.68 -24.41 23.91
C CYS A 132 16.23 -24.85 23.59
N PRO A 133 15.37 -25.07 24.61
CA PRO A 133 14.00 -25.51 24.27
C PRO A 133 13.20 -24.50 23.44
N ASP A 134 13.26 -23.23 23.82
CA ASP A 134 12.47 -22.19 23.14
C ASP A 134 12.79 -22.13 21.64
N VAL A 135 14.03 -22.38 21.27
CA VAL A 135 14.42 -22.43 19.87
C VAL A 135 13.97 -23.73 19.21
N VAL A 136 14.05 -24.82 19.96
CA VAL A 136 13.67 -26.16 19.48
C VAL A 136 12.16 -26.26 19.24
N GLN A 137 11.40 -25.87 20.27
CA GLN A 137 9.95 -25.80 20.24
C GLN A 137 9.48 -24.89 19.10
N ALA A 138 10.16 -23.78 18.91
CA ALA A 138 9.81 -22.79 17.91
C ALA A 138 9.75 -23.42 16.53
N LEU A 139 10.90 -23.97 16.16
CA LEU A 139 11.11 -24.60 14.87
C LEU A 139 10.32 -25.93 14.76
N ASN A 140 9.92 -26.49 15.90
CA ASN A 140 9.05 -27.68 15.91
C ASN A 140 7.67 -27.27 15.38
N LEU A 141 7.14 -26.21 15.98
CA LEU A 141 5.86 -25.67 15.62
C LEU A 141 5.82 -25.46 14.12
N MET A 142 6.87 -24.87 13.59
CA MET A 142 6.95 -24.61 12.16
C MET A 142 6.78 -25.85 11.30
N SER A 143 7.41 -26.95 11.69
CA SER A 143 7.43 -28.17 10.87
C SER A 143 6.05 -28.85 10.72
N VAL A 144 5.19 -28.64 11.70
CA VAL A 144 3.83 -29.21 11.72
C VAL A 144 2.89 -28.43 10.80
N LEU A 145 2.97 -27.09 10.88
CA LEU A 145 2.06 -26.20 10.16
C LEU A 145 2.27 -26.28 8.65
N ASN A 146 3.43 -25.85 8.19
CA ASN A 146 3.76 -25.94 6.79
C ASN A 146 4.59 -27.20 6.56
N PRO A 147 4.18 -28.05 5.60
CA PRO A 147 4.92 -29.28 5.28
C PRO A 147 6.17 -29.06 4.43
N ARG A 148 6.45 -27.82 4.05
CA ARG A 148 7.69 -27.50 3.33
C ARG A 148 8.84 -27.27 4.32
N ILE A 149 8.51 -26.87 5.55
CA ILE A 149 9.51 -26.52 6.58
C ILE A 149 9.84 -27.74 7.45
N LYS A 150 10.94 -28.42 7.12
CA LYS A 150 11.39 -29.60 7.87
C LYS A 150 12.25 -29.16 9.05
N HIS A 151 12.22 -29.92 10.14
CA HIS A 151 13.04 -29.58 11.30
C HIS A 151 13.54 -30.78 12.09
N THR A 152 14.87 -30.97 12.10
CA THR A 152 15.52 -32.02 12.89
C THR A 152 16.28 -31.37 14.07
N ALA A 153 15.84 -31.67 15.28
CA ALA A 153 16.56 -31.23 16.48
C ALA A 153 17.63 -32.27 16.83
N ILE A 154 18.87 -31.83 17.02
CA ILE A 154 20.01 -32.72 17.15
C ILE A 154 20.66 -32.59 18.53
N ASP A 155 20.60 -33.67 19.31
CA ASP A 155 21.34 -33.78 20.58
C ASP A 155 22.83 -33.93 20.30
N GLY A 156 23.63 -32.99 20.84
CA GLY A 156 25.08 -33.00 20.65
C GLY A 156 25.79 -34.14 21.34
N GLY A 157 25.19 -34.69 22.40
CA GLY A 157 25.72 -35.85 23.09
C GLY A 157 25.76 -37.11 22.24
N THR A 158 24.90 -37.17 21.23
CA THR A 158 24.84 -38.33 20.33
C THR A 158 25.62 -38.12 19.02
N PHE A 159 25.89 -36.87 18.66
CA PHE A 159 26.55 -36.56 17.38
C PHE A 159 27.66 -35.55 17.55
N GLN A 160 28.65 -35.95 18.34
CA GLN A 160 29.89 -35.17 18.46
C GLN A 160 30.64 -35.13 17.10
N ASN A 161 30.42 -36.16 16.26
CA ASN A 161 30.94 -36.21 14.88
C ASN A 161 30.52 -35.04 13.98
N GLU A 162 29.27 -34.60 14.13
CA GLU A 162 28.75 -33.48 13.35
C GLU A 162 28.99 -32.15 14.06
N ILE A 163 29.16 -32.19 15.38
CA ILE A 163 29.49 -30.99 16.14
C ILE A 163 30.85 -30.41 15.70
N THR A 164 31.81 -31.30 15.35
CA THR A 164 33.19 -30.90 15.03
C THR A 164 33.39 -30.63 13.54
N ASP A 165 33.00 -31.59 12.69
CA ASP A 165 33.03 -31.43 11.22
C ASP A 165 32.50 -30.08 10.77
N ARG A 166 31.40 -29.67 11.41
CA ARG A 166 30.84 -28.35 11.24
C ARG A 166 30.96 -27.64 12.59
N ASN A 167 31.94 -26.74 12.70
CA ASN A 167 32.22 -25.99 13.94
C ASN A 167 30.93 -25.53 14.65
N VAL A 168 30.75 -25.87 15.93
CA VAL A 168 29.64 -25.33 16.73
C VAL A 168 30.06 -25.07 18.18
N MET A 169 30.75 -23.97 18.39
CA MET A 169 31.08 -23.56 19.74
C MET A 169 29.84 -22.82 20.28
N GLY A 170 29.10 -23.46 21.17
CA GLY A 170 27.94 -22.83 21.82
C GLY A 170 26.59 -23.17 21.21
N VAL A 171 25.67 -23.62 22.07
CA VAL A 171 24.31 -24.00 21.67
C VAL A 171 23.27 -23.09 22.34
N PRO A 172 22.07 -22.96 21.74
CA PRO A 172 21.59 -23.65 20.52
C PRO A 172 22.25 -23.13 19.25
N ALA A 173 22.06 -23.85 18.15
CA ALA A 173 22.76 -23.53 16.91
C ALA A 173 22.00 -24.10 15.73
N VAL A 174 21.38 -23.22 14.93
CA VAL A 174 20.47 -23.65 13.86
C VAL A 174 21.07 -23.43 12.49
N PHE A 175 20.68 -24.28 11.53
CA PHE A 175 21.33 -24.34 10.22
C PHE A 175 20.35 -24.55 9.07
N VAL A 176 19.74 -23.46 8.62
CA VAL A 176 18.82 -23.51 7.48
C VAL A 176 19.50 -23.99 6.18
N ASN A 177 19.22 -25.23 5.82
CA ASN A 177 19.71 -25.84 4.57
C ASN A 177 21.23 -25.74 4.44
N GLY A 178 21.92 -26.48 5.31
CA GLY A 178 23.38 -26.56 5.32
C GLY A 178 24.06 -25.21 5.28
N LYS A 179 23.57 -24.27 6.09
CA LYS A 179 24.04 -22.89 6.12
C LYS A 179 23.73 -22.22 7.47
N GLU A 180 24.76 -21.71 8.14
CA GLU A 180 24.60 -20.93 9.39
C GLU A 180 23.34 -20.06 9.37
N PHE A 181 22.52 -20.19 10.41
CA PHE A 181 21.32 -19.36 10.57
C PHE A 181 21.47 -18.37 11.71
N GLY A 182 21.77 -18.89 12.89
CA GLY A 182 21.81 -18.07 14.09
C GLY A 182 22.02 -18.91 15.32
N GLN A 183 22.37 -18.23 16.41
CA GLN A 183 22.69 -18.86 17.69
C GLN A 183 21.92 -18.19 18.83
N GLY A 184 21.86 -18.85 19.97
CA GLY A 184 21.26 -18.28 21.18
C GLY A 184 19.80 -17.94 21.01
N ARG A 185 19.31 -17.03 21.86
CA ARG A 185 17.89 -16.67 21.92
C ARG A 185 17.31 -16.35 20.53
N MET A 186 16.15 -16.93 20.24
CA MET A 186 15.37 -16.55 19.06
C MET A 186 13.92 -16.94 19.29
N THR A 187 13.03 -15.94 19.37
CA THR A 187 11.58 -16.18 19.43
C THR A 187 11.07 -16.56 18.03
N LEU A 188 9.90 -17.18 17.99
CA LEU A 188 9.31 -17.60 16.73
C LEU A 188 9.08 -16.39 15.85
N THR A 189 8.42 -15.40 16.44
CA THR A 189 8.22 -14.09 15.81
C THR A 189 9.52 -13.59 15.15
N GLU A 190 10.63 -13.71 15.88
CA GLU A 190 11.94 -13.28 15.40
C GLU A 190 12.49 -14.23 14.33
N ILE A 191 12.24 -15.53 14.51
CA ILE A 191 12.69 -16.52 13.53
C ILE A 191 12.04 -16.22 12.19
N VAL A 192 10.73 -16.01 12.21
CA VAL A 192 9.96 -15.92 10.98
C VAL A 192 10.24 -14.65 10.19
N ALA A 193 10.66 -13.60 10.88
CA ALA A 193 11.04 -12.37 10.19
C ALA A 193 12.21 -12.68 9.29
N LYS A 194 13.27 -13.21 9.88
CA LYS A 194 14.52 -13.47 9.15
C LYS A 194 14.36 -14.47 8.01
N ILE A 195 13.49 -15.47 8.19
CA ILE A 195 13.30 -16.52 7.17
C ILE A 195 12.61 -15.97 5.92
N ASP A 196 11.70 -15.02 6.13
CA ASP A 196 11.04 -14.33 5.03
C ASP A 196 11.67 -12.92 4.92
N THR A 197 12.98 -12.91 4.64
CA THR A 197 13.70 -11.68 4.24
C THR A 197 13.46 -11.43 2.76
N GLY A 198 13.54 -12.51 1.97
CA GLY A 198 13.08 -12.52 0.59
C GLY A 198 11.57 -12.67 0.55
N ALA A 199 10.91 -12.22 1.61
CA ALA A 199 9.46 -12.10 1.65
C ALA A 199 9.04 -11.00 0.69
N GLU A 200 7.76 -10.69 0.75
CA GLU A 200 7.14 -9.80 -0.20
C GLU A 200 6.20 -8.95 0.63
N LYS A 201 6.59 -7.70 0.85
CA LYS A 201 5.93 -6.83 1.82
C LYS A 201 4.50 -6.51 1.37
N ARG A 202 3.58 -7.43 1.63
CA ARG A 202 2.18 -7.26 1.29
C ARG A 202 1.67 -6.11 2.14
N ALA A 203 1.92 -4.89 1.64
CA ALA A 203 1.46 -3.67 2.28
C ALA A 203 -0.04 -3.51 2.11
N ALA A 204 -0.58 -4.20 1.10
CA ALA A 204 -2.03 -4.34 0.93
C ALA A 204 -2.68 -5.17 2.05
N GLU A 205 -1.94 -6.12 2.61
CA GLU A 205 -2.44 -6.85 3.79
C GLU A 205 -2.30 -5.99 5.04
N GLU A 206 -1.28 -5.14 5.06
CA GLU A 206 -1.18 -4.14 6.08
C GLU A 206 -2.47 -3.28 6.05
N LEU A 207 -2.75 -2.71 4.89
CA LEU A 207 -3.93 -1.85 4.71
C LEU A 207 -5.27 -2.57 4.96
N ASN A 208 -5.41 -3.83 4.55
CA ASN A 208 -6.69 -4.56 4.72
C ASN A 208 -7.06 -4.80 6.18
N LYS A 209 -6.06 -4.87 7.06
CA LYS A 209 -6.28 -5.13 8.49
C LYS A 209 -6.67 -3.92 9.35
N ARG A 210 -6.43 -2.71 8.84
CA ARG A 210 -6.75 -1.48 9.59
C ARG A 210 -8.19 -1.33 9.99
N ASP A 211 -8.37 -0.62 11.09
CA ASP A 211 -9.69 -0.38 11.64
C ASP A 211 -10.40 0.56 10.71
N ALA A 212 -11.72 0.60 10.83
CA ALA A 212 -12.48 1.51 10.03
C ALA A 212 -12.10 2.95 10.38
N TYR A 213 -12.11 3.81 9.38
CA TYR A 213 -11.88 5.25 9.56
C TYR A 213 -13.16 5.97 9.89
N ASP A 214 -13.03 7.05 10.64
CA ASP A 214 -14.16 7.93 10.87
C ASP A 214 -14.36 8.69 9.56
N VAL A 215 -13.27 9.19 8.99
CA VAL A 215 -13.36 9.73 7.65
C VAL A 215 -12.14 9.29 6.87
N LEU A 216 -12.36 8.84 5.64
CA LEU A 216 -11.24 8.48 4.76
C LEU A 216 -11.28 9.45 3.63
N ILE A 217 -10.15 10.13 3.40
CA ILE A 217 -10.06 11.15 2.38
C ILE A 217 -9.23 10.58 1.28
N VAL A 218 -9.68 10.73 0.02
CA VAL A 218 -9.07 10.10 -1.15
C VAL A 218 -8.53 11.19 -2.02
N GLY A 219 -7.20 11.31 -2.07
CA GLY A 219 -6.56 12.43 -2.79
C GLY A 219 -5.87 13.29 -1.78
N SER A 220 -4.59 13.54 -1.98
CA SER A 220 -3.78 14.29 -1.04
C SER A 220 -3.19 15.53 -1.69
N GLY A 221 -3.92 16.13 -2.62
CA GLY A 221 -3.64 17.52 -2.95
C GLY A 221 -4.08 18.47 -1.85
N PRO A 222 -4.21 19.77 -2.20
CA PRO A 222 -4.63 20.81 -1.28
C PRO A 222 -5.98 20.53 -0.63
N ALA A 223 -6.90 20.00 -1.41
CA ALA A 223 -8.24 19.81 -0.92
C ALA A 223 -8.21 18.75 0.15
N GLY A 224 -7.70 17.58 -0.19
CA GLY A 224 -7.65 16.50 0.80
C GLY A 224 -6.77 16.82 2.00
N ALA A 225 -5.69 17.55 1.83
CA ALA A 225 -4.85 17.94 2.98
C ALA A 225 -5.62 18.78 3.96
N ALA A 226 -6.35 19.75 3.39
CA ALA A 226 -7.10 20.72 4.13
C ALA A 226 -8.17 20.01 4.89
N ALA A 227 -8.74 19.01 4.25
CA ALA A 227 -9.78 18.20 4.91
C ALA A 227 -9.19 17.34 5.97
N ALA A 228 -7.98 16.87 5.78
CA ALA A 228 -7.38 16.04 6.81
C ALA A 228 -7.08 16.81 8.11
N ILE A 229 -6.70 18.07 7.97
CA ILE A 229 -6.37 18.86 9.13
C ILE A 229 -7.63 19.22 9.89
N TYR A 230 -8.65 19.70 9.19
CA TYR A 230 -9.92 19.99 9.83
C TYR A 230 -10.55 18.78 10.45
N SER A 231 -10.48 17.64 9.77
CA SER A 231 -10.96 16.39 10.44
C SER A 231 -10.12 16.00 11.68
N ALA A 232 -8.81 16.01 11.56
CA ALA A 232 -7.98 15.57 12.71
C ALA A 232 -8.16 16.44 13.92
N ARG A 233 -8.45 17.72 13.71
CA ARG A 233 -8.61 18.64 14.81
C ARG A 233 -9.82 18.38 15.68
N LYS A 234 -10.79 17.67 15.12
CA LYS A 234 -11.93 17.17 15.87
C LYS A 234 -11.57 15.88 16.60
N GLY A 235 -10.34 15.41 16.45
CA GLY A 235 -9.90 14.17 17.11
C GLY A 235 -10.48 12.86 16.60
N ILE A 236 -11.12 12.89 15.44
CA ILE A 236 -11.72 11.69 14.91
C ILE A 236 -10.66 10.92 14.14
N ARG A 237 -10.91 9.64 13.94
CA ARG A 237 -9.98 8.80 13.23
C ARG A 237 -10.02 9.15 11.73
N THR A 238 -8.90 9.68 11.26
CA THR A 238 -8.78 10.24 9.96
C THR A 238 -7.68 9.60 9.15
N GLY A 239 -7.95 9.37 7.87
CA GLY A 239 -7.00 8.78 6.93
C GLY A 239 -6.94 9.56 5.64
N LEU A 240 -5.78 9.60 5.03
CA LEU A 240 -5.58 10.43 3.88
C LEU A 240 -4.80 9.64 2.87
N MET A 241 -5.47 9.13 1.87
CA MET A 241 -4.83 8.28 0.92
C MET A 241 -4.71 9.05 -0.35
N GLY A 242 -3.60 8.88 -1.04
CA GLY A 242 -3.45 9.49 -2.33
C GLY A 242 -2.30 8.90 -3.10
N GLU A 243 -2.22 9.26 -4.37
CA GLU A 243 -1.16 8.79 -5.23
C GLU A 243 0.11 9.47 -4.78
N ARG A 244 0.08 10.80 -4.73
CA ARG A 244 1.26 11.60 -4.40
C ARG A 244 0.93 12.86 -3.57
N PHE A 245 1.39 12.86 -2.32
CA PHE A 245 1.15 13.97 -1.43
C PHE A 245 1.62 15.28 -2.04
N GLY A 246 0.65 16.18 -2.27
CA GLY A 246 0.94 17.52 -2.75
C GLY A 246 0.13 17.77 -3.98
N GLY A 247 -0.40 16.73 -4.58
CA GLY A 247 -1.19 16.87 -5.79
C GLY A 247 -0.48 17.72 -6.81
N GLN A 248 -1.21 18.59 -7.47
CA GLN A 248 -0.70 19.42 -8.57
C GLN A 248 0.37 20.45 -8.17
N ILE A 249 0.33 20.92 -6.94
CA ILE A 249 1.24 21.98 -6.59
C ILE A 249 2.70 21.49 -6.65
N LEU A 250 2.94 20.20 -6.39
CA LEU A 250 4.30 19.68 -6.35
C LEU A 250 5.10 19.95 -7.61
N ASP A 251 4.46 19.83 -8.78
CA ASP A 251 5.11 20.10 -10.07
C ASP A 251 5.00 21.58 -10.47
N THR A 252 4.60 22.42 -9.52
CA THR A 252 4.39 23.83 -9.83
C THR A 252 5.56 24.61 -9.29
N VAL A 253 5.84 25.73 -9.92
CA VAL A 253 7.01 26.44 -9.52
C VAL A 253 6.60 27.78 -8.91
N ASP A 254 6.33 28.84 -9.68
CA ASP A 254 6.05 30.18 -9.09
C ASP A 254 4.56 30.33 -8.77
N ILE A 255 4.20 30.45 -7.48
CA ILE A 255 2.80 30.59 -7.08
C ILE A 255 2.59 31.93 -6.37
N GLU A 256 1.74 32.76 -6.97
CA GLU A 256 1.58 34.10 -6.48
C GLU A 256 0.17 34.48 -6.11
N ASN A 257 -0.70 33.50 -5.87
CA ASN A 257 -2.03 33.84 -5.42
C ASN A 257 -2.53 33.00 -4.28
N TYR A 258 -1.63 32.42 -3.50
CA TYR A 258 -2.05 31.74 -2.34
C TYR A 258 -2.19 32.86 -1.34
N ILE A 259 -3.44 33.14 -0.97
CA ILE A 259 -3.75 34.38 -0.26
C ILE A 259 -3.01 34.48 1.10
N SER A 260 -2.42 35.63 1.32
CA SER A 260 -1.47 35.94 2.41
C SER A 260 0.01 35.68 2.05
N VAL A 261 0.30 35.06 0.91
CA VAL A 261 1.68 34.64 0.61
C VAL A 261 2.07 35.16 -0.77
N PRO A 262 2.84 36.26 -0.82
CA PRO A 262 2.99 36.92 -2.11
C PRO A 262 3.68 36.05 -3.14
N LYS A 263 4.64 35.28 -2.66
CA LYS A 263 5.42 34.40 -3.51
C LYS A 263 5.83 33.16 -2.78
N THR A 264 5.43 32.02 -3.30
CA THR A 264 5.86 30.74 -2.77
C THR A 264 6.08 29.86 -3.97
N GLU A 265 6.31 28.58 -3.70
CA GLU A 265 6.79 27.65 -4.68
C GLU A 265 6.11 26.36 -4.40
N GLY A 266 5.87 25.57 -5.43
CA GLY A 266 5.17 24.31 -5.29
C GLY A 266 5.77 23.33 -4.33
N GLN A 267 7.08 23.17 -4.37
CA GLN A 267 7.65 22.08 -3.63
C GLN A 267 7.57 22.43 -2.13
N LYS A 268 7.68 23.74 -1.88
CA LYS A 268 7.66 24.33 -0.54
C LYS A 268 6.24 24.35 0.08
N LEU A 269 5.27 24.73 -0.71
CA LEU A 269 3.90 24.77 -0.23
C LEU A 269 3.51 23.32 0.07
N ALA A 270 3.88 22.42 -0.82
CA ALA A 270 3.62 21.03 -0.54
C ALA A 270 4.29 20.57 0.73
N GLY A 271 5.47 21.08 1.05
CA GLY A 271 6.10 20.67 2.31
C GLY A 271 5.44 21.33 3.52
N ALA A 272 5.07 22.59 3.34
CA ALA A 272 4.29 23.28 4.34
C ALA A 272 2.97 22.55 4.59
N LEU A 273 2.27 22.14 3.52
CA LEU A 273 1.10 21.23 3.70
C LEU A 273 1.41 19.95 4.45
N LYS A 274 2.55 19.36 4.22
CA LYS A 274 2.83 18.08 4.92
C LYS A 274 3.07 18.30 6.42
N VAL A 275 3.68 19.44 6.77
CA VAL A 275 4.00 19.79 8.15
C VAL A 275 2.72 20.08 8.92
N HIS A 276 1.83 20.85 8.34
CA HIS A 276 0.56 21.16 9.02
C HIS A 276 -0.16 19.89 9.25
N VAL A 277 -0.19 19.04 8.23
CA VAL A 277 -0.83 17.73 8.39
C VAL A 277 -0.27 16.96 9.58
N ASP A 278 1.04 16.91 9.72
CA ASP A 278 1.65 16.01 10.74
C ASP A 278 1.61 16.60 12.13
N GLU A 279 1.13 17.82 12.23
CA GLU A 279 0.77 18.40 13.52
C GLU A 279 -0.44 17.66 14.19
N TYR A 280 -1.16 16.81 13.44
CA TYR A 280 -2.32 16.10 14.01
C TYR A 280 -2.31 14.56 13.83
N ASP A 281 -3.24 13.89 14.48
CA ASP A 281 -3.35 12.44 14.28
C ASP A 281 -3.99 12.07 12.94
N VAL A 282 -3.17 11.99 11.89
CA VAL A 282 -3.69 11.65 10.56
C VAL A 282 -2.87 10.48 10.01
N ASP A 283 -3.48 9.32 9.73
CA ASP A 283 -2.76 8.23 9.05
C ASP A 283 -2.65 8.61 7.60
N VAL A 284 -1.45 9.01 7.21
CA VAL A 284 -1.17 9.31 5.83
C VAL A 284 -0.68 8.06 5.14
N ILE A 285 -1.40 7.68 4.09
CA ILE A 285 -1.01 6.61 3.20
C ILE A 285 -0.62 7.23 1.85
N ASP A 286 0.62 7.05 1.42
CA ASP A 286 1.05 7.58 0.09
C ASP A 286 1.21 6.45 -0.93
N SER A 287 1.37 6.85 -2.20
CA SER A 287 1.59 5.92 -3.33
C SER A 287 0.49 4.86 -3.43
N GLN A 288 -0.76 5.29 -3.32
CA GLN A 288 -1.88 4.39 -3.27
C GLN A 288 -3.05 5.03 -4.00
N SER A 289 -3.64 4.27 -4.92
CA SER A 289 -4.61 4.79 -5.86
C SER A 289 -5.96 4.16 -5.59
N ALA A 290 -7.03 4.94 -5.52
CA ALA A 290 -8.37 4.33 -5.33
C ALA A 290 -8.94 3.92 -6.69
N SER A 291 -9.49 2.71 -6.74
CA SER A 291 -10.05 2.11 -7.94
C SER A 291 -11.57 1.92 -7.85
N LYS A 292 -12.15 1.90 -6.66
CA LYS A 292 -13.61 1.83 -6.54
C LYS A 292 -14.21 2.24 -5.18
N LEU A 293 -15.27 3.02 -5.24
CA LEU A 293 -16.14 3.26 -4.07
C LEU A 293 -17.31 2.28 -4.08
N ILE A 294 -17.50 1.57 -2.95
CA ILE A 294 -18.66 0.76 -2.69
C ILE A 294 -19.46 1.47 -1.59
N PRO A 295 -20.60 2.07 -1.94
CA PRO A 295 -21.43 2.74 -0.93
C PRO A 295 -22.05 1.82 0.11
N ALA A 296 -22.03 2.20 1.37
CA ALA A 296 -22.71 1.45 2.40
C ALA A 296 -24.12 1.11 1.97
N ALA A 297 -24.52 -0.12 2.31
CA ALA A 297 -25.86 -0.65 1.98
C ALA A 297 -26.89 -0.27 3.03
N VAL A 298 -26.43 0.24 4.18
CA VAL A 298 -27.31 0.95 5.11
C VAL A 298 -26.64 2.14 5.79
N GLU A 299 -27.47 3.14 6.06
CA GLU A 299 -27.11 4.25 6.95
C GLU A 299 -26.57 3.65 8.23
N GLY A 300 -25.50 4.25 8.75
CA GLY A 300 -24.85 3.78 9.97
C GLY A 300 -23.81 2.71 9.72
N GLY A 301 -23.71 2.25 8.46
CA GLY A 301 -22.75 1.22 8.11
C GLY A 301 -21.58 1.94 7.47
N LEU A 302 -20.80 1.19 6.72
CA LEU A 302 -19.50 1.66 6.21
C LEU A 302 -19.42 1.63 4.70
N HIS A 303 -18.86 2.70 4.16
CA HIS A 303 -18.46 2.75 2.79
C HIS A 303 -17.12 2.04 2.67
N GLN A 304 -16.76 1.61 1.47
CA GLN A 304 -15.49 0.91 1.23
C GLN A 304 -14.76 1.53 0.07
N ILE A 305 -13.45 1.59 0.17
CA ILE A 305 -12.64 1.99 -0.98
C ILE A 305 -11.72 0.86 -1.36
N GLU A 306 -11.69 0.53 -2.66
CA GLU A 306 -10.76 -0.46 -3.20
C GLU A 306 -9.59 0.25 -3.81
N THR A 307 -8.40 -0.21 -3.49
CA THR A 307 -7.19 0.33 -4.10
C THR A 307 -6.80 -0.52 -5.30
N ALA A 308 -5.93 0.05 -6.16
CA ALA A 308 -5.37 -0.69 -7.29
C ALA A 308 -4.43 -1.77 -6.77
N SER A 309 -3.89 -1.60 -5.58
CA SER A 309 -3.06 -2.64 -5.03
C SER A 309 -3.86 -3.82 -4.45
N GLY A 310 -5.20 -3.78 -4.54
CA GLY A 310 -6.05 -4.87 -4.04
C GLY A 310 -6.48 -4.75 -2.58
N ALA A 311 -6.05 -3.70 -1.89
CA ALA A 311 -6.49 -3.44 -0.53
C ALA A 311 -7.91 -2.89 -0.48
N VAL A 312 -8.56 -3.05 0.66
CA VAL A 312 -9.87 -2.44 0.90
C VAL A 312 -9.89 -1.76 2.26
N LEU A 313 -10.20 -0.45 2.24
CA LEU A 313 -10.32 0.36 3.45
C LEU A 313 -11.77 0.67 3.65
N LYS A 314 -12.11 1.01 4.90
CA LYS A 314 -13.50 1.17 5.35
C LYS A 314 -13.67 2.46 6.17
N ALA A 315 -14.75 3.20 5.92
CA ALA A 315 -14.94 4.51 6.54
C ALA A 315 -16.41 4.83 6.75
N ARG A 316 -16.68 5.47 7.89
CA ARG A 316 -18.01 5.94 8.17
C ARG A 316 -18.39 7.05 7.18
N SER A 317 -17.37 7.74 6.69
CA SER A 317 -17.51 8.83 5.74
C SER A 317 -16.33 8.97 4.82
N ILE A 318 -16.57 9.40 3.58
CA ILE A 318 -15.54 9.47 2.56
C ILE A 318 -15.42 10.92 2.10
N ILE A 319 -14.22 11.41 1.83
CA ILE A 319 -14.14 12.59 1.05
C ILE A 319 -13.26 12.40 -0.17
N VAL A 320 -13.85 12.62 -1.35
CA VAL A 320 -13.14 12.50 -2.61
C VAL A 320 -12.53 13.85 -2.97
N ALA A 321 -11.23 13.84 -3.24
CA ALA A 321 -10.55 15.04 -3.59
C ALA A 321 -9.39 14.76 -4.54
N THR A 322 -9.71 14.29 -5.74
CA THR A 322 -8.77 13.59 -6.59
C THR A 322 -8.34 14.46 -7.75
N GLY A 323 -8.87 15.70 -7.79
CA GLY A 323 -8.45 16.72 -8.72
C GLY A 323 -8.72 16.40 -10.19
N ALA A 324 -7.99 17.10 -11.05
CA ALA A 324 -8.19 17.02 -12.46
C ALA A 324 -6.85 17.02 -13.13
N LYS A 325 -6.84 16.74 -14.42
CA LYS A 325 -5.64 16.88 -15.24
C LYS A 325 -6.02 17.78 -16.37
N TRP A 326 -5.22 18.78 -16.67
CA TRP A 326 -5.44 19.61 -17.87
C TRP A 326 -4.98 18.81 -19.05
N ARG A 327 -5.69 18.86 -20.16
CA ARG A 327 -5.23 18.13 -21.35
C ARG A 327 -4.04 18.82 -21.99
N ASN A 328 -3.09 18.03 -22.43
CA ASN A 328 -1.91 18.50 -23.15
C ASN A 328 -2.10 18.48 -24.63
N MET A 329 -1.26 19.22 -25.34
CA MET A 329 -1.24 19.14 -26.78
C MET A 329 -0.56 17.87 -27.27
N ASN A 330 0.36 17.33 -26.48
CA ASN A 330 1.27 16.25 -26.90
C ASN A 330 2.07 16.54 -28.15
N VAL A 331 2.84 17.61 -28.09
CA VAL A 331 3.73 17.96 -29.21
C VAL A 331 5.17 18.08 -28.70
N PRO A 332 6.17 17.81 -29.55
CA PRO A 332 7.55 18.16 -29.22
C PRO A 332 7.72 19.55 -28.61
N GLY A 333 8.51 19.63 -27.54
CA GLY A 333 8.83 20.90 -26.92
C GLY A 333 7.83 21.34 -25.86
N GLU A 334 6.75 20.57 -25.68
CA GLU A 334 5.69 20.99 -24.75
C GLU A 334 6.20 20.73 -23.35
N ASP A 335 6.54 19.49 -23.07
CA ASP A 335 7.30 19.07 -21.93
C ASP A 335 8.52 19.96 -21.63
N GLN A 336 9.40 20.07 -22.60
CA GLN A 336 10.63 20.85 -22.47
C GLN A 336 10.35 22.26 -21.92
N TYR A 337 9.28 22.91 -22.38
CA TYR A 337 8.96 24.28 -21.90
C TYR A 337 7.80 24.41 -20.87
N ARG A 338 7.38 23.29 -20.29
CA ARG A 338 6.45 23.30 -19.15
C ARG A 338 7.00 24.06 -17.94
N THR A 339 6.43 25.23 -17.69
CA THR A 339 6.79 26.10 -16.58
C THR A 339 7.84 27.11 -17.04
N LYS A 340 8.17 27.09 -18.33
CA LYS A 340 9.11 28.05 -18.94
C LYS A 340 8.45 28.80 -20.08
N GLY A 341 7.13 28.95 -20.00
CA GLY A 341 6.39 29.66 -21.02
C GLY A 341 5.14 28.92 -21.46
N VAL A 342 5.16 27.60 -21.41
CA VAL A 342 3.97 26.80 -21.72
C VAL A 342 3.22 26.60 -20.41
N THR A 343 1.95 26.98 -20.40
CA THR A 343 1.22 26.84 -19.17
C THR A 343 -0.23 26.48 -19.50
N TYR A 344 -1.04 26.31 -18.46
CA TYR A 344 -2.40 25.80 -18.60
C TYR A 344 -3.34 26.90 -18.14
N PRO A 346 -4.73 30.42 -17.14
CA PRO A 346 -4.51 31.84 -17.34
C PRO A 346 -4.65 32.69 -16.07
N HIS A 347 -5.42 32.19 -15.09
CA HIS A 347 -5.58 32.88 -13.83
C HIS A 347 -4.22 32.94 -13.12
N CYS A 348 -3.62 31.77 -12.94
CA CYS A 348 -2.33 31.67 -12.24
C CYS A 348 -1.17 32.46 -12.82
N ASP A 349 -0.98 32.39 -14.16
CA ASP A 349 0.23 32.93 -14.83
C ASP A 349 0.06 34.17 -15.72
N GLY A 350 -1.16 34.58 -15.98
CA GLY A 350 -1.40 35.76 -16.81
C GLY A 350 -0.49 36.96 -16.54
N PRO A 351 -0.37 37.37 -15.26
CA PRO A 351 0.43 38.57 -14.93
C PRO A 351 1.91 38.49 -15.36
N LEU A 352 2.46 37.29 -15.52
CA LEU A 352 3.88 37.13 -15.88
C LEU A 352 4.16 37.55 -17.30
N PHE A 353 3.12 37.88 -18.07
CA PHE A 353 3.29 38.17 -19.49
C PHE A 353 2.86 39.57 -19.97
N LYS A 354 2.74 40.52 -19.04
CA LYS A 354 2.60 41.92 -19.43
C LYS A 354 3.59 42.23 -20.52
N GLY A 355 3.12 42.95 -21.54
CA GLY A 355 3.99 43.37 -22.63
C GLY A 355 4.34 42.29 -23.62
N LYS A 356 4.01 41.04 -23.31
CA LYS A 356 4.48 39.92 -24.13
C LYS A 356 3.42 39.43 -25.09
N ARG A 357 3.86 38.74 -26.12
CA ARG A 357 2.95 38.11 -27.07
C ARG A 357 2.70 36.65 -26.63
N VAL A 358 1.42 36.24 -26.66
CA VAL A 358 1.07 34.89 -26.20
C VAL A 358 0.12 34.23 -27.17
N ALA A 359 0.00 32.90 -27.05
CA ALA A 359 -1.05 32.19 -27.74
C ALA A 359 -1.94 31.46 -26.78
N VAL A 360 -3.23 31.39 -27.12
CA VAL A 360 -4.11 30.46 -26.46
C VAL A 360 -4.43 29.26 -27.41
N ILE A 361 -4.20 28.05 -26.91
CA ILE A 361 -4.55 26.84 -27.62
C ILE A 361 -5.92 26.35 -27.13
N GLY A 362 -6.90 26.29 -28.04
CA GLY A 362 -8.24 25.88 -27.68
C GLY A 362 -9.25 27.00 -27.95
N GLY A 363 -10.33 26.66 -28.66
CA GLY A 363 -11.38 27.61 -28.96
C GLY A 363 -12.69 27.32 -28.28
N GLY A 364 -12.68 26.53 -27.24
CA GLY A 364 -13.83 26.41 -26.36
C GLY A 364 -14.01 27.66 -25.50
N ASN A 365 -15.00 27.60 -24.61
CA ASN A 365 -15.21 28.63 -23.61
C ASN A 365 -13.94 28.93 -22.81
N SER A 366 -13.27 27.89 -22.33
CA SER A 366 -12.18 28.13 -21.43
C SER A 366 -11.06 28.86 -22.18
N GLY A 367 -10.78 28.44 -23.40
CA GLY A 367 -9.80 29.14 -24.28
C GLY A 367 -10.22 30.54 -24.67
N VAL A 368 -11.45 30.70 -25.07
CA VAL A 368 -11.86 32.00 -25.51
C VAL A 368 -11.87 33.01 -24.38
N GLU A 369 -12.45 32.65 -23.23
CA GLU A 369 -12.38 33.53 -22.07
C GLU A 369 -10.91 33.84 -21.78
N ALA A 370 -10.06 32.80 -21.83
CA ALA A 370 -8.66 32.99 -21.47
C ALA A 370 -8.04 34.08 -22.32
N ALA A 371 -8.34 34.06 -23.62
CA ALA A 371 -7.86 35.10 -24.54
C ALA A 371 -8.39 36.49 -24.23
N ILE A 372 -9.61 36.57 -23.78
CA ILE A 372 -10.16 37.89 -23.45
C ILE A 372 -9.48 38.37 -22.17
N ASP A 373 -9.26 37.44 -21.25
CA ASP A 373 -8.46 37.70 -20.05
C ASP A 373 -7.06 38.25 -20.44
N LEU A 374 -6.30 37.48 -21.24
CA LEU A 374 -4.92 37.84 -21.54
C LEU A 374 -4.81 39.12 -22.34
N ALA A 375 -5.71 39.28 -23.27
CA ALA A 375 -5.81 40.48 -24.06
C ALA A 375 -5.76 41.75 -23.23
N GLY A 376 -6.36 41.76 -22.06
CA GLY A 376 -6.33 42.95 -21.22
C GLY A 376 -4.97 43.22 -20.59
N ILE A 377 -4.22 42.14 -20.31
CA ILE A 377 -2.96 42.21 -19.54
C ILE A 377 -1.77 42.35 -20.46
N VAL A 378 -1.83 41.66 -21.60
CA VAL A 378 -0.67 41.38 -22.43
C VAL A 378 -0.77 42.25 -23.66
N GLU A 379 0.27 42.23 -24.48
CA GLU A 379 0.33 43.03 -25.70
C GLU A 379 -0.46 42.40 -26.84
N HIS A 380 -0.26 41.12 -27.09
CA HIS A 380 -0.92 40.45 -28.22
C HIS A 380 -1.30 39.02 -27.86
N VAL A 381 -2.43 38.58 -28.39
CA VAL A 381 -2.90 37.24 -28.16
C VAL A 381 -3.26 36.63 -29.48
N THR A 382 -2.86 35.37 -29.65
CA THR A 382 -3.22 34.61 -30.82
C THR A 382 -3.91 33.34 -30.35
N LEU A 383 -5.18 33.19 -30.68
CA LEU A 383 -5.91 31.97 -30.33
C LEU A 383 -5.85 31.04 -31.55
N LEU A 384 -5.58 29.77 -31.29
CA LEU A 384 -5.49 28.79 -32.32
C LEU A 384 -6.50 27.72 -32.02
N GLU A 385 -7.37 27.47 -32.99
CA GLU A 385 -8.44 26.47 -32.89
C GLU A 385 -8.19 25.39 -33.93
N PHE A 386 -8.22 24.15 -33.45
CA PHE A 386 -7.93 22.96 -34.21
C PHE A 386 -9.08 22.73 -35.20
N ALA A 387 -10.32 22.85 -34.74
CA ALA A 387 -11.52 22.71 -35.59
C ALA A 387 -11.64 23.87 -36.60
N PRO A 388 -12.59 23.78 -37.57
CA PRO A 388 -12.80 24.90 -38.51
C PRO A 388 -13.63 26.08 -37.94
N GLU A 389 -14.14 25.93 -36.72
CA GLU A 389 -14.85 27.00 -36.06
C GLU A 389 -14.62 26.87 -34.56
N MET A 390 -14.81 27.97 -33.83
CA MET A 390 -14.73 27.96 -32.37
C MET A 390 -15.99 27.35 -31.76
N LYS A 391 -15.85 26.71 -30.62
CA LYS A 391 -16.96 26.07 -29.95
C LYS A 391 -17.65 27.01 -28.93
N ALA A 392 -17.00 28.09 -28.56
CA ALA A 392 -17.42 28.81 -27.38
C ALA A 392 -18.77 29.53 -27.55
N ASP A 393 -19.44 29.83 -26.42
CA ASP A 393 -20.65 30.65 -26.42
C ASP A 393 -20.44 31.83 -27.34
N GLN A 394 -21.48 32.22 -28.07
CA GLN A 394 -21.36 33.24 -29.12
C GLN A 394 -20.95 34.58 -28.53
N VAL A 395 -21.66 34.96 -27.47
CA VAL A 395 -21.37 36.13 -26.62
C VAL A 395 -19.86 36.34 -26.45
N LEU A 396 -19.16 35.26 -26.12
CA LEU A 396 -17.72 35.35 -25.91
C LEU A 396 -16.95 35.47 -27.19
N GLN A 397 -17.40 34.79 -28.24
CA GLN A 397 -16.72 34.84 -29.51
C GLN A 397 -16.73 36.20 -30.11
N ASP A 398 -17.86 36.91 -29.97
CA ASP A 398 -18.02 38.27 -30.50
C ASP A 398 -17.17 39.26 -29.71
N LYS A 399 -17.13 39.07 -28.39
CA LYS A 399 -16.29 39.89 -27.49
C LYS A 399 -14.81 39.75 -27.85
N LEU A 400 -14.38 38.53 -28.17
CA LEU A 400 -12.99 38.29 -28.60
C LEU A 400 -12.69 38.86 -29.97
N ARG A 401 -13.64 38.79 -30.89
CA ARG A 401 -13.47 39.44 -32.19
C ARG A 401 -13.54 40.98 -32.08
N SER A 402 -14.04 41.49 -30.97
CA SER A 402 -14.10 42.94 -30.75
C SER A 402 -12.75 43.56 -30.39
N LEU A 403 -11.86 42.81 -29.74
CA LEU A 403 -10.61 43.41 -29.25
C LEU A 403 -9.61 43.66 -30.39
N LYS A 404 -8.68 44.61 -30.20
CA LYS A 404 -7.77 45.07 -31.27
C LYS A 404 -6.36 44.44 -31.29
N ASN A 405 -6.06 43.64 -30.29
CA ASN A 405 -4.77 43.02 -30.13
C ASN A 405 -4.92 41.49 -30.14
N VAL A 406 -5.85 40.97 -30.91
CA VAL A 406 -6.10 39.52 -30.93
C VAL A 406 -6.23 39.00 -32.33
N ASP A 407 -5.71 37.80 -32.55
CA ASP A 407 -5.89 37.06 -33.80
C ASP A 407 -6.42 35.68 -33.51
N ILE A 408 -7.42 35.31 -34.30
CA ILE A 408 -7.95 33.97 -34.30
C ILE A 408 -7.47 33.26 -35.57
N ILE A 409 -6.98 32.04 -35.37
CA ILE A 409 -6.58 31.21 -36.49
C ILE A 409 -7.30 29.87 -36.40
N LEU A 410 -8.15 29.61 -37.40
CA LEU A 410 -8.92 28.37 -37.48
C LEU A 410 -8.19 27.27 -38.26
N ASN A 411 -8.58 26.03 -37.97
CA ASN A 411 -7.95 24.86 -38.52
C ASN A 411 -6.45 24.82 -38.27
N ALA A 412 -6.05 25.27 -37.09
CA ALA A 412 -4.65 25.44 -36.74
C ALA A 412 -4.20 24.38 -35.73
N GLN A 413 -3.33 23.49 -36.15
CA GLN A 413 -2.85 22.42 -35.31
C GLN A 413 -1.40 22.71 -34.96
N THR A 414 -1.15 22.96 -33.67
CA THR A 414 0.22 23.24 -33.18
C THR A 414 1.04 22.00 -33.35
N THR A 415 2.22 22.16 -33.92
CA THR A 415 3.09 21.05 -34.22
C THR A 415 4.31 21.02 -33.34
N GLU A 416 4.76 22.20 -32.91
CA GLU A 416 5.98 22.28 -32.14
C GLU A 416 5.96 23.47 -31.21
N VAL A 417 6.39 23.27 -29.97
CA VAL A 417 6.78 24.38 -29.12
C VAL A 417 8.29 24.73 -29.34
N LYS A 418 8.58 25.97 -29.69
CA LYS A 418 9.98 26.38 -29.86
C LYS A 418 10.43 27.26 -28.67
N GLY A 419 11.71 27.11 -28.30
CA GLY A 419 12.34 28.00 -27.34
C GLY A 419 13.80 28.19 -27.66
N ASP A 420 14.55 28.70 -26.67
CA ASP A 420 15.97 29.02 -26.80
C ASP A 420 16.84 28.18 -25.84
N GLY A 421 16.26 27.07 -25.37
CA GLY A 421 16.88 26.21 -24.39
C GLY A 421 16.45 26.58 -22.97
N SER A 422 16.01 27.81 -22.80
CA SER A 422 15.57 28.31 -21.49
C SER A 422 14.07 28.59 -21.45
N LYS A 423 13.59 29.34 -22.43
CA LYS A 423 12.23 29.79 -22.45
C LYS A 423 11.63 29.73 -23.85
N VAL A 424 10.31 29.81 -23.91
CA VAL A 424 9.55 29.72 -25.16
C VAL A 424 9.85 30.95 -25.92
N VAL A 425 10.06 30.80 -27.23
CA VAL A 425 10.17 31.95 -28.12
C VAL A 425 9.24 31.85 -29.29
N GLY A 426 8.59 30.71 -29.45
CA GLY A 426 7.58 30.62 -30.51
C GLY A 426 6.89 29.28 -30.68
N LEU A 427 6.13 29.21 -31.75
CA LEU A 427 5.20 28.14 -31.96
C LEU A 427 5.17 27.81 -33.43
N GLU A 428 5.07 26.53 -33.76
CA GLU A 428 4.89 26.10 -35.14
C GLU A 428 3.53 25.44 -35.29
N TYR A 429 2.81 25.70 -36.38
CA TYR A 429 1.57 24.98 -36.59
C TYR A 429 1.31 24.66 -38.05
N ARG A 430 0.33 23.78 -38.27
CA ARG A 430 -0.08 23.46 -39.63
C ARG A 430 -1.52 23.77 -39.82
N ASP A 431 -1.83 24.22 -41.03
CA ASP A 431 -3.21 24.35 -41.42
C ASP A 431 -3.76 23.00 -41.78
N ARG A 432 -4.68 22.48 -40.99
CA ARG A 432 -5.17 21.13 -41.23
C ARG A 432 -5.86 20.98 -42.57
N VAL A 433 -6.15 22.06 -43.25
CA VAL A 433 -6.83 21.98 -44.54
C VAL A 433 -5.82 21.88 -45.72
N SER A 434 -4.97 22.89 -45.92
CA SER A 434 -3.98 22.90 -47.02
C SER A 434 -2.68 22.18 -46.65
N GLY A 435 -2.50 21.91 -45.36
CA GLY A 435 -1.31 21.19 -44.89
C GLY A 435 -0.10 22.09 -44.66
N ASP A 436 -0.28 23.40 -44.88
CA ASP A 436 0.80 24.38 -44.80
C ASP A 436 1.31 24.64 -43.38
N ILE A 437 2.63 24.81 -43.27
CA ILE A 437 3.29 25.03 -42.01
C ILE A 437 3.47 26.51 -41.78
N HIS A 438 3.35 26.92 -40.51
CA HIS A 438 3.37 28.31 -40.13
C HIS A 438 4.10 28.54 -38.81
N ASN A 439 4.59 29.76 -38.63
CA ASN A 439 5.32 30.10 -37.41
C ASN A 439 4.82 31.34 -36.75
N ILE A 440 4.69 31.27 -35.42
CA ILE A 440 4.40 32.43 -34.59
C ILE A 440 5.53 32.59 -33.56
N GLU A 441 5.96 33.85 -33.40
CA GLU A 441 6.89 34.26 -32.35
C GLU A 441 6.10 34.74 -31.10
N LEU A 442 6.41 34.19 -29.93
CA LEU A 442 5.70 34.56 -28.72
C LEU A 442 6.48 34.16 -27.48
N ALA A 443 6.04 34.57 -26.31
CA ALA A 443 6.70 34.13 -25.08
C ALA A 443 5.84 33.21 -24.25
N GLY A 444 4.55 33.16 -24.54
CA GLY A 444 3.68 32.28 -23.77
C GLY A 444 2.67 31.47 -24.55
N ILE A 445 2.38 30.28 -24.06
CA ILE A 445 1.42 29.42 -24.70
C ILE A 445 0.54 28.88 -23.61
N PHE A 446 -0.72 29.30 -23.61
CA PHE A 446 -1.73 28.84 -22.62
C PHE A 446 -2.62 27.70 -23.21
N VAL A 447 -2.39 26.45 -22.80
CA VAL A 447 -3.13 25.27 -23.30
C VAL A 447 -4.45 25.14 -22.53
N GLN A 448 -5.56 25.31 -23.26
CA GLN A 448 -6.92 25.43 -22.71
C GLN A 448 -7.83 24.56 -23.58
N ILE A 449 -7.64 23.26 -23.46
CA ILE A 449 -8.22 22.31 -24.36
C ILE A 449 -9.11 21.31 -23.65
N GLY A 450 -9.17 21.39 -22.34
CA GLY A 450 -9.98 20.49 -21.60
C GLY A 450 -9.34 20.17 -20.31
N LEU A 451 -10.18 20.12 -19.30
CA LEU A 451 -9.88 19.57 -18.00
C LEU A 451 -10.51 18.18 -18.00
N LEU A 452 -9.84 17.23 -17.35
CA LEU A 452 -10.31 15.86 -17.18
C LEU A 452 -10.26 15.51 -15.70
N PRO A 453 -11.41 15.56 -15.01
CA PRO A 453 -11.41 15.20 -13.58
C PRO A 453 -10.93 13.78 -13.39
N ASN A 454 -10.27 13.48 -12.28
CA ASN A 454 -9.86 12.11 -12.01
C ASN A 454 -11.02 11.35 -11.32
N THR A 455 -12.04 11.06 -12.08
CA THR A 455 -13.23 10.42 -11.55
C THR A 455 -13.85 9.30 -12.34
N ASN A 456 -13.18 8.77 -13.36
CA ASN A 456 -13.77 7.66 -14.11
C ASN A 456 -13.87 6.41 -13.27
N TRP A 457 -13.02 6.33 -12.24
CA TRP A 457 -13.09 5.27 -11.24
C TRP A 457 -14.36 5.30 -10.38
N LEU A 458 -15.10 6.41 -10.38
CA LEU A 458 -16.39 6.53 -9.64
C LEU A 458 -17.67 6.28 -10.48
N GLU A 459 -17.52 5.97 -11.77
CA GLU A 459 -18.72 5.75 -12.60
C GLU A 459 -19.69 4.82 -11.91
N GLY A 460 -20.96 5.22 -11.84
CA GLY A 460 -22.02 4.39 -11.27
C GLY A 460 -22.25 4.56 -9.77
N ALA A 461 -21.22 4.97 -9.04
CA ALA A 461 -21.32 5.04 -7.58
C ALA A 461 -21.78 6.40 -7.09
N VAL A 462 -21.17 7.49 -7.56
CA VAL A 462 -21.68 8.84 -7.26
C VAL A 462 -21.96 9.55 -8.56
N GLU A 463 -22.85 10.54 -8.52
CA GLU A 463 -23.31 11.24 -9.71
C GLU A 463 -22.36 12.38 -10.18
N ARG A 464 -22.20 12.48 -11.50
CA ARG A 464 -21.26 13.34 -12.14
C ARG A 464 -21.97 14.13 -13.21
N ASN A 465 -21.53 15.36 -13.44
CA ASN A 465 -22.10 16.12 -14.47
C ASN A 465 -21.56 15.63 -15.82
N ARG A 466 -21.82 16.34 -16.89
CA ARG A 466 -21.46 15.79 -18.18
C ARG A 466 -20.02 16.04 -18.64
N MET A 467 -19.25 16.74 -17.81
CA MET A 467 -17.83 16.97 -18.03
C MET A 467 -17.04 16.12 -17.07
N GLY A 468 -17.72 15.30 -16.27
CA GLY A 468 -17.05 14.27 -15.44
C GLY A 468 -16.87 14.72 -13.98
N GLU A 469 -17.21 15.96 -13.71
CA GLU A 469 -17.06 16.55 -12.38
C GLU A 469 -18.05 15.94 -11.39
N ILE A 470 -17.63 15.68 -10.16
CA ILE A 470 -18.52 15.14 -9.12
C ILE A 470 -19.48 16.22 -8.72
N ILE A 471 -20.78 15.95 -8.84
CA ILE A 471 -21.84 16.91 -8.50
C ILE A 471 -21.87 17.08 -6.97
N ILE A 472 -21.79 18.33 -6.52
CA ILE A 472 -21.90 18.67 -5.08
C ILE A 472 -22.88 19.78 -4.76
N ASP A 473 -23.52 19.73 -3.62
CA ASP A 473 -24.29 20.87 -3.16
C ASP A 473 -23.34 21.82 -2.41
N ALA A 474 -23.87 22.84 -1.73
CA ALA A 474 -22.99 23.92 -1.18
C ALA A 474 -22.18 23.35 -0.05
N LYS A 475 -22.66 22.22 0.48
CA LYS A 475 -22.13 21.54 1.65
C LYS A 475 -21.20 20.43 1.25
N CYS A 476 -20.81 20.43 -0.02
CA CYS A 476 -19.95 19.40 -0.57
C CYS A 476 -20.58 17.99 -0.56
N GLU A 477 -21.88 17.90 -0.34
CA GLU A 477 -22.59 16.62 -0.31
C GLU A 477 -22.76 16.10 -1.76
N THR A 478 -22.45 14.83 -1.95
CA THR A 478 -22.78 14.11 -3.17
C THR A 478 -24.17 13.52 -3.05
N ASN A 479 -24.62 12.85 -4.09
CA ASN A 479 -25.88 12.15 -4.04
C ASN A 479 -25.82 10.88 -3.21
N VAL A 480 -24.65 10.51 -2.66
CA VAL A 480 -24.64 9.42 -1.69
C VAL A 480 -24.42 9.95 -0.24
N LYS A 481 -25.33 9.59 0.67
CA LYS A 481 -25.21 9.95 2.08
C LYS A 481 -23.85 9.52 2.63
N GLY A 482 -23.07 10.48 3.09
CA GLY A 482 -21.86 10.19 3.80
C GLY A 482 -20.68 10.17 2.90
N VAL A 483 -20.88 10.46 1.62
CA VAL A 483 -19.80 10.73 0.69
C VAL A 483 -19.80 12.23 0.25
N PHE A 484 -18.66 12.89 0.43
CA PHE A 484 -18.53 14.33 0.12
C PHE A 484 -17.40 14.47 -0.83
N ALA A 485 -17.33 15.60 -1.50
CA ALA A 485 -16.24 15.84 -2.42
C ALA A 485 -15.84 17.31 -2.41
N ALA A 486 -14.57 17.55 -2.70
CA ALA A 486 -13.98 18.85 -2.65
C ALA A 486 -12.83 18.95 -3.64
N GLY A 487 -12.70 20.13 -4.25
CA GLY A 487 -11.57 20.46 -5.04
C GLY A 487 -11.91 20.35 -6.50
N ASP A 488 -10.88 20.32 -7.35
CA ASP A 488 -11.04 20.38 -8.81
C ASP A 488 -11.89 19.24 -9.40
N CYS A 489 -11.87 18.06 -8.76
CA CYS A 489 -12.66 16.90 -9.20
C CYS A 489 -14.20 17.14 -9.17
N THR A 490 -14.63 18.19 -8.49
CA THR A 490 -16.05 18.49 -8.32
C THR A 490 -16.50 19.62 -9.23
N THR A 491 -17.77 20.00 -9.08
CA THR A 491 -18.35 21.03 -9.88
C THR A 491 -18.03 22.46 -9.46
N VAL A 492 -17.17 22.69 -8.45
CA VAL A 492 -16.75 24.07 -8.17
C VAL A 492 -16.38 24.70 -9.47
N PRO A 493 -16.94 25.90 -9.75
CA PRO A 493 -16.71 26.60 -11.02
C PRO A 493 -15.27 26.90 -11.37
N TYR A 494 -14.38 26.97 -10.37
CA TYR A 494 -12.98 27.34 -10.63
C TYR A 494 -12.02 26.49 -9.84
N LYS A 495 -10.86 26.30 -10.42
CA LYS A 495 -9.84 25.38 -9.98
C LYS A 495 -8.62 26.22 -9.50
N GLN A 496 -8.47 26.45 -8.21
CA GLN A 496 -7.36 27.21 -7.71
C GLN A 496 -6.99 26.56 -6.41
N ILE A 497 -5.74 26.79 -5.97
CA ILE A 497 -5.28 26.23 -4.71
C ILE A 497 -6.09 26.81 -3.58
N ILE A 498 -6.23 28.12 -3.53
CA ILE A 498 -6.95 28.73 -2.40
C ILE A 498 -8.43 28.29 -2.37
N ILE A 499 -9.07 28.13 -3.54
CA ILE A 499 -10.44 27.65 -3.61
C ILE A 499 -10.47 26.18 -3.22
N ALA A 500 -9.53 25.38 -3.70
CA ALA A 500 -9.56 23.95 -3.31
C ALA A 500 -9.37 23.72 -1.82
N THR A 501 -8.53 24.49 -1.16
CA THR A 501 -8.32 24.32 0.31
C THR A 501 -9.56 24.65 1.15
N GLY A 502 -10.21 25.76 0.86
CA GLY A 502 -11.54 26.05 1.38
C GLY A 502 -12.59 24.96 1.21
N GLU A 503 -12.66 24.32 0.06
CA GLU A 503 -13.63 23.23 -0.18
C GLU A 503 -13.29 21.97 0.64
N GLY A 504 -12.00 21.63 0.70
CA GLY A 504 -11.63 20.50 1.54
C GLY A 504 -12.08 20.70 3.00
N ALA A 505 -12.07 21.93 3.48
CA ALA A 505 -12.36 22.23 4.88
C ALA A 505 -13.83 22.13 5.08
N LYS A 506 -14.56 22.66 4.10
CA LYS A 506 -16.02 22.56 4.07
C LYS A 506 -16.44 21.09 4.13
N ALA A 507 -15.99 20.33 3.15
CA ALA A 507 -16.27 18.90 3.06
C ALA A 507 -15.99 18.19 4.36
N SER A 508 -14.96 18.62 5.09
CA SER A 508 -14.59 18.06 6.41
C SER A 508 -15.60 18.37 7.50
N LEU A 509 -15.97 19.64 7.60
CA LEU A 509 -16.97 20.07 8.55
C LEU A 509 -18.35 19.45 8.23
N SER A 510 -18.64 19.24 6.94
CA SER A 510 -19.91 18.61 6.50
C SER A 510 -19.91 17.13 6.84
N ALA A 511 -18.77 16.50 6.63
CA ALA A 511 -18.61 15.10 7.02
C ALA A 511 -18.69 14.91 8.50
N PHE A 512 -18.24 15.90 9.27
CA PHE A 512 -18.27 15.73 10.72
C PHE A 512 -19.71 15.86 11.15
N ASP A 513 -20.38 16.88 10.64
CA ASP A 513 -21.79 17.04 10.88
C ASP A 513 -22.60 15.80 10.54
N TYR A 514 -22.19 15.04 9.54
CA TYR A 514 -22.95 13.85 9.17
C TYR A 514 -22.68 12.74 10.19
N LEU A 515 -21.43 12.61 10.64
CA LEU A 515 -21.10 11.65 11.68
C LEU A 515 -21.88 11.93 12.95
N ILE A 516 -22.03 13.17 13.34
CA ILE A 516 -22.68 13.37 14.61
C ILE A 516 -24.19 13.14 14.52
N ARG A 517 -24.75 13.24 13.29
CA ARG A 517 -26.18 13.09 13.06
C ARG A 517 -26.59 11.66 12.80
N THR A 518 -25.63 10.80 12.48
CA THR A 518 -25.94 9.42 12.17
C THR A 518 -26.41 8.86 13.46
N LYS A 519 -27.63 8.34 13.46
CA LYS A 519 -28.25 8.08 14.71
C LYS A 519 -27.77 6.82 15.42
N THR A 520 -28.59 6.42 16.38
CA THR A 520 -28.21 6.47 17.77
C THR A 520 -27.48 5.27 18.33
N ALA A 521 -28.04 4.06 18.16
CA ALA A 521 -27.54 2.85 18.82
C ALA A 521 -26.92 1.87 17.82
#